data_8D41
#
_entry.id   8D41
#
_cell.length_a   57.015
_cell.length_b   91.149
_cell.length_c   58.716
_cell.angle_alpha   90.000
_cell.angle_beta   99.580
_cell.angle_gamma   90.000
#
_symmetry.space_group_name_H-M   'P 1 21 1'
#
loop_
_entity.id
_entity.type
_entity.pdbx_description
1 polymer "Coatomer subunit beta'"
2 non-polymer '(1R,2R,3S,4S)-3-[4-(4-fluorophenyl)piperazine-1-carbonyl]bicyclo[2.2.1]heptane-2-carboxylic acid'
3 non-polymer GLYCEROL
4 non-polymer 'UNKNOWN ATOM OR ION'
5 water water
#
_entity_poly.entity_id   1
_entity_poly.type   'polypeptide(L)'
_entity_poly.pdbx_seq_one_letter_code
;MHHHHHHSSGRENLYFQGMPLRLDIKRKLTARSDRVKSVDLHPTEPWMLASLYNGSVCVWNHETQTLVKTFEVCDLPVRA
AKFVARKNWVVTGADDMQIRVFNYNTLERVHMFEAHSDYIRCIAVHPTQPFILTSSDDMLIKLWDWDKKWSCSQVFEGHT
HYVMQIVINPKDNNQFASASLDRTIKVWQLGSSSPNFTLEGHEKGVNCIDYYSGGDKPYLISGADDRLVKIWDYQNKTCV
QTLEGHAQNVSCASFHPELPIIITGSEDGTVRIWHSSTYRLESTLNYGMERVWCVASLRGSNNVALGYDEGSIIVKLG
;
_entity_poly.pdbx_strand_id   A,B
#
# COMPACT_ATOMS: atom_id res chain seq x y z
N GLU A 12 22.03 0.51 -6.36
CA GLU A 12 21.01 1.21 -7.22
C GLU A 12 21.66 2.43 -7.91
N ASN A 13 22.90 2.29 -8.40
CA ASN A 13 23.66 3.36 -9.10
C ASN A 13 24.64 2.73 -10.10
N LEU A 14 25.44 3.57 -10.78
CA LEU A 14 26.25 3.21 -11.99
C LEU A 14 27.29 2.12 -11.66
N TYR A 15 27.53 1.85 -10.38
CA TYR A 15 28.53 0.85 -9.91
C TYR A 15 27.85 -0.52 -9.81
N PHE A 16 26.51 -0.55 -9.93
CA PHE A 16 25.73 -1.81 -9.84
C PHE A 16 24.78 -1.98 -11.04
N GLN A 17 24.31 -0.89 -11.64
N GLN A 17 24.30 -0.86 -11.60
CA GLN A 17 23.27 -0.96 -12.69
CA GLN A 17 23.28 -0.81 -12.69
C GLN A 17 23.89 -0.58 -14.04
C GLN A 17 23.98 -0.69 -14.04
N GLY A 18 23.34 -1.14 -15.12
CA GLY A 18 23.87 -1.00 -16.49
C GLY A 18 23.68 0.41 -17.04
N MET A 19 24.09 0.63 -18.29
CA MET A 19 23.98 1.94 -18.99
C MET A 19 22.50 2.26 -19.25
N PRO A 20 22.09 3.54 -19.06
CA PRO A 20 20.77 3.99 -19.50
C PRO A 20 20.42 3.56 -20.93
N LEU A 21 19.21 3.03 -21.12
CA LEU A 21 18.54 2.80 -22.42
C LEU A 21 18.46 4.12 -23.18
N ARG A 22 18.74 4.10 -24.47
CA ARG A 22 18.38 5.23 -25.34
C ARG A 22 16.86 5.20 -25.53
N LEU A 23 16.20 6.24 -25.05
CA LEU A 23 14.72 6.41 -25.14
C LEU A 23 14.43 7.78 -25.75
N ASP A 24 14.39 7.86 -27.07
CA ASP A 24 13.94 9.08 -27.79
C ASP A 24 12.49 9.32 -27.37
N ILE A 25 12.17 10.55 -26.97
CA ILE A 25 10.80 10.93 -26.52
C ILE A 25 10.37 12.17 -27.29
N LYS A 26 9.36 12.03 -28.13
CA LYS A 26 8.74 13.15 -28.88
C LYS A 26 7.25 13.24 -28.49
N ARG A 27 6.78 14.44 -28.11
CA ARG A 27 5.34 14.70 -27.87
C ARG A 27 4.61 14.72 -29.21
N LYS A 28 3.68 13.79 -29.42
CA LYS A 28 2.88 13.68 -30.67
C LYS A 28 1.54 14.40 -30.51
N LEU A 29 0.99 14.40 -29.30
CA LEU A 29 -0.35 15.00 -29.02
C LEU A 29 -0.37 15.47 -27.58
N THR A 30 -0.89 16.66 -27.35
CA THR A 30 -1.27 17.15 -26.03
C THR A 30 -2.70 17.64 -26.12
N ALA A 31 -3.64 16.93 -25.51
CA ALA A 31 -5.08 17.21 -25.56
C ALA A 31 -5.58 17.53 -24.16
N ARG A 32 -5.63 18.81 -23.82
CA ARG A 32 -6.09 19.29 -22.51
C ARG A 32 -7.60 19.06 -22.42
N SER A 33 -8.07 18.47 -21.32
CA SER A 33 -9.49 18.12 -21.10
C SER A 33 -9.73 17.88 -19.61
N ASP A 34 -10.98 17.62 -19.27
CA ASP A 34 -11.42 17.05 -17.99
C ASP A 34 -10.74 15.69 -17.81
N ARG A 35 -10.73 15.17 -16.58
CA ARG A 35 -10.02 13.94 -16.17
C ARG A 35 -10.27 12.79 -17.16
N VAL A 36 -9.19 12.20 -17.64
CA VAL A 36 -9.21 11.03 -18.55
C VAL A 36 -9.01 9.75 -17.73
N LYS A 37 -9.97 8.83 -17.82
CA LYS A 37 -10.00 7.57 -17.05
C LYS A 37 -9.48 6.42 -17.93
N SER A 38 -9.67 6.47 -19.24
CA SER A 38 -9.14 5.41 -20.15
C SER A 38 -8.70 5.99 -21.49
N VAL A 39 -7.71 5.33 -22.11
CA VAL A 39 -7.21 5.62 -23.47
C VAL A 39 -7.10 4.31 -24.24
N ASP A 40 -7.16 4.39 -25.56
CA ASP A 40 -6.91 3.25 -26.46
C ASP A 40 -6.33 3.80 -27.79
N LEU A 41 -5.41 3.07 -28.40
CA LEU A 41 -4.85 3.43 -29.72
C LEU A 41 -5.46 2.51 -30.78
N HIS A 42 -5.94 3.07 -31.88
CA HIS A 42 -6.52 2.30 -33.01
C HIS A 42 -5.40 1.61 -33.77
N PRO A 43 -5.59 0.34 -34.15
CA PRO A 43 -4.55 -0.42 -34.84
C PRO A 43 -4.22 0.03 -36.27
N THR A 44 -5.08 0.77 -36.97
CA THR A 44 -4.86 1.10 -38.42
C THR A 44 -5.15 2.57 -38.72
N GLU A 45 -5.94 3.23 -37.89
CA GLU A 45 -6.15 4.69 -37.99
C GLU A 45 -5.18 5.39 -37.05
N PRO A 46 -4.72 6.61 -37.37
CA PRO A 46 -3.85 7.36 -36.47
C PRO A 46 -4.69 8.02 -35.35
N TRP A 47 -5.38 7.19 -34.57
CA TRP A 47 -6.43 7.61 -33.61
C TRP A 47 -6.02 7.26 -32.17
N MET A 48 -6.29 8.17 -31.26
CA MET A 48 -6.33 7.88 -29.81
C MET A 48 -7.77 8.13 -29.32
N LEU A 49 -8.31 7.15 -28.64
CA LEU A 49 -9.58 7.21 -27.88
C LEU A 49 -9.25 7.68 -26.44
N ALA A 50 -10.14 8.44 -25.84
CA ALA A 50 -10.11 8.83 -24.42
C ALA A 50 -11.56 8.86 -23.90
N SER A 51 -11.78 8.30 -22.72
CA SER A 51 -13.05 8.40 -21.99
C SER A 51 -12.83 9.28 -20.75
N LEU A 52 -13.77 10.19 -20.51
CA LEU A 52 -13.62 11.33 -19.57
C LEU A 52 -14.57 11.15 -18.37
N TYR A 53 -14.19 11.77 -17.26
CA TYR A 53 -14.99 11.88 -16.02
C TYR A 53 -16.35 12.53 -16.32
N ASN A 54 -16.40 13.45 -17.28
CA ASN A 54 -17.61 14.24 -17.62
C ASN A 54 -18.54 13.43 -18.55
N GLY A 55 -18.20 12.19 -18.86
CA GLY A 55 -19.03 11.31 -19.72
C GLY A 55 -18.74 11.43 -21.22
N SER A 56 -17.77 12.25 -21.63
CA SER A 56 -17.32 12.36 -23.04
C SER A 56 -16.44 11.16 -23.38
N VAL A 57 -16.62 10.63 -24.59
CA VAL A 57 -15.61 9.76 -25.27
C VAL A 57 -15.21 10.44 -26.57
N CYS A 58 -13.91 10.69 -26.72
CA CYS A 58 -13.28 11.51 -27.80
C CYS A 58 -12.30 10.64 -28.60
N VAL A 59 -12.23 10.90 -29.90
CA VAL A 59 -11.22 10.29 -30.81
C VAL A 59 -10.39 11.43 -31.38
N TRP A 60 -9.10 11.42 -31.09
CA TRP A 60 -8.12 12.38 -31.63
C TRP A 60 -7.36 11.71 -32.76
N ASN A 61 -7.15 12.45 -33.82
CA ASN A 61 -6.22 12.09 -34.92
C ASN A 61 -4.85 12.65 -34.54
N HIS A 62 -3.88 11.81 -34.26
CA HIS A 62 -2.56 12.23 -33.73
C HIS A 62 -1.57 12.56 -34.86
N GLU A 63 -2.00 12.57 -36.12
CA GLU A 63 -1.20 13.06 -37.28
C GLU A 63 -1.62 14.49 -37.63
N THR A 64 -2.93 14.75 -37.67
CA THR A 64 -3.52 16.12 -37.83
C THR A 64 -3.50 16.85 -36.49
N GLN A 65 -3.45 16.12 -35.38
CA GLN A 65 -3.63 16.67 -34.01
C GLN A 65 -4.98 17.42 -33.96
N THR A 66 -6.05 16.78 -34.43
CA THR A 66 -7.42 17.33 -34.41
C THR A 66 -8.34 16.35 -33.70
N LEU A 67 -9.36 16.88 -33.06
CA LEU A 67 -10.49 16.12 -32.50
C LEU A 67 -11.43 15.75 -33.65
N VAL A 68 -11.54 14.47 -34.01
CA VAL A 68 -12.27 14.08 -35.25
C VAL A 68 -13.65 13.46 -34.92
N LYS A 69 -13.83 12.87 -33.74
CA LYS A 69 -15.11 12.21 -33.33
C LYS A 69 -15.34 12.40 -31.83
N THR A 70 -16.60 12.56 -31.42
CA THR A 70 -17.01 12.41 -30.02
C THR A 70 -18.35 11.68 -29.98
N PHE A 71 -18.60 11.00 -28.87
CA PHE A 71 -19.82 10.22 -28.61
C PHE A 71 -20.45 10.75 -27.34
N GLU A 72 -21.76 10.97 -27.41
CA GLU A 72 -22.68 11.26 -26.29
C GLU A 72 -22.94 9.97 -25.52
N VAL A 73 -22.24 9.74 -24.43
CA VAL A 73 -22.29 8.45 -23.70
C VAL A 73 -23.19 8.62 -22.47
N CYS A 74 -22.81 9.51 -21.58
CA CYS A 74 -23.68 10.00 -20.47
C CYS A 74 -22.96 11.15 -19.77
N ASP A 75 -23.50 11.64 -18.66
CA ASP A 75 -22.89 12.80 -17.96
C ASP A 75 -22.30 12.34 -16.65
N LEU A 76 -22.23 11.01 -16.44
CA LEU A 76 -21.42 10.37 -15.36
C LEU A 76 -20.10 9.90 -15.95
N PRO A 77 -19.08 9.61 -15.11
CA PRO A 77 -17.80 9.10 -15.60
C PRO A 77 -17.96 7.88 -16.52
N VAL A 78 -17.14 7.82 -17.55
CA VAL A 78 -16.99 6.63 -18.43
C VAL A 78 -15.56 6.14 -18.23
N ARG A 79 -15.38 5.15 -17.38
CA ARG A 79 -14.04 4.68 -16.92
C ARG A 79 -13.43 3.72 -17.93
N ALA A 80 -14.20 3.20 -18.87
CA ALA A 80 -13.75 2.17 -19.82
C ALA A 80 -14.23 2.50 -21.23
N ALA A 81 -13.31 2.59 -22.17
CA ALA A 81 -13.63 2.63 -23.61
C ALA A 81 -12.55 1.93 -24.43
N LYS A 82 -12.96 1.10 -25.39
CA LYS A 82 -12.03 0.40 -26.31
C LYS A 82 -12.58 0.48 -27.73
N PHE A 83 -11.68 0.50 -28.69
CA PHE A 83 -11.96 0.18 -30.10
C PHE A 83 -12.20 -1.32 -30.24
N VAL A 84 -13.14 -1.67 -31.11
CA VAL A 84 -13.23 -3.00 -31.77
C VAL A 84 -13.06 -2.76 -33.26
N ALA A 85 -11.81 -2.73 -33.70
CA ALA A 85 -11.40 -2.31 -35.05
C ALA A 85 -12.15 -3.15 -36.08
N ARG A 86 -12.22 -4.47 -35.87
CA ARG A 86 -12.79 -5.40 -36.87
C ARG A 86 -14.33 -5.27 -36.92
N LYS A 87 -14.94 -4.51 -36.00
CA LYS A 87 -16.41 -4.24 -36.03
C LYS A 87 -16.69 -2.75 -36.29
N ASN A 88 -15.65 -1.91 -36.43
CA ASN A 88 -15.78 -0.45 -36.57
C ASN A 88 -16.55 0.13 -35.36
N TRP A 89 -16.23 -0.36 -34.16
CA TRP A 89 -16.90 0.06 -32.91
C TRP A 89 -15.95 0.80 -31.97
N VAL A 90 -16.53 1.66 -31.13
CA VAL A 90 -16.04 2.02 -29.77
C VAL A 90 -17.05 1.43 -28.79
N VAL A 91 -16.58 0.58 -27.88
N VAL A 91 -16.57 0.60 -27.86
CA VAL A 91 -17.42 0.04 -26.77
CA VAL A 91 -17.37 0.01 -26.76
C VAL A 91 -17.08 0.81 -25.50
C VAL A 91 -17.07 0.78 -25.47
N THR A 92 -18.10 1.21 -24.75
CA THR A 92 -17.99 2.08 -23.56
C THR A 92 -18.66 1.39 -22.35
N GLY A 93 -18.12 1.63 -21.15
CA GLY A 93 -18.75 1.29 -19.86
C GLY A 93 -18.78 2.51 -18.94
N ALA A 94 -19.91 2.75 -18.28
CA ALA A 94 -20.21 4.01 -17.57
C ALA A 94 -20.61 3.74 -16.13
N ASP A 95 -20.63 4.79 -15.32
CA ASP A 95 -20.96 4.72 -13.88
C ASP A 95 -22.46 4.46 -13.72
N ASP A 96 -23.23 4.56 -14.80
CA ASP A 96 -24.69 4.27 -14.79
C ASP A 96 -24.93 2.82 -15.18
N MET A 97 -23.85 2.03 -15.29
CA MET A 97 -23.84 0.54 -15.28
C MET A 97 -24.21 0.00 -16.67
N GLN A 98 -24.25 0.89 -17.67
CA GLN A 98 -24.59 0.52 -19.08
C GLN A 98 -23.29 0.32 -19.90
N ILE A 99 -23.25 -0.73 -20.72
CA ILE A 99 -22.33 -0.86 -21.88
C ILE A 99 -23.03 -0.19 -23.07
N ARG A 100 -22.35 0.72 -23.74
CA ARG A 100 -22.88 1.42 -24.95
C ARG A 100 -21.88 1.21 -26.06
N VAL A 101 -22.37 0.65 -27.17
CA VAL A 101 -21.58 0.33 -28.37
C VAL A 101 -21.88 1.37 -29.44
N PHE A 102 -20.86 2.06 -29.92
CA PHE A 102 -20.99 3.09 -30.99
C PHE A 102 -20.23 2.63 -32.23
N ASN A 103 -20.82 2.93 -33.37
CA ASN A 103 -20.19 2.80 -34.69
C ASN A 103 -19.39 4.08 -34.94
N TYR A 104 -18.07 3.99 -35.06
CA TYR A 104 -17.21 5.19 -35.18
C TYR A 104 -17.27 5.76 -36.60
N ASN A 105 -17.80 5.00 -37.58
CA ASN A 105 -18.00 5.52 -38.96
C ASN A 105 -19.29 6.37 -39.00
N THR A 106 -20.36 5.93 -38.36
CA THR A 106 -21.70 6.59 -38.45
C THR A 106 -21.96 7.46 -37.20
N LEU A 107 -21.15 7.27 -36.12
CA LEU A 107 -21.30 7.94 -34.79
C LEU A 107 -22.55 7.44 -34.05
N GLU A 108 -23.27 6.47 -34.60
CA GLU A 108 -24.53 5.95 -34.01
C GLU A 108 -24.21 5.10 -32.77
N ARG A 109 -25.07 5.18 -31.77
CA ARG A 109 -25.17 4.16 -30.70
C ARG A 109 -25.99 2.99 -31.24
N VAL A 110 -25.34 1.89 -31.58
CA VAL A 110 -25.96 0.75 -32.29
C VAL A 110 -26.52 -0.25 -31.28
N HIS A 111 -26.02 -0.24 -30.04
CA HIS A 111 -26.53 -1.13 -28.97
C HIS A 111 -26.15 -0.58 -27.59
N MET A 112 -26.96 -0.91 -26.59
CA MET A 112 -26.60 -0.73 -25.18
C MET A 112 -27.39 -1.71 -24.31
N PHE A 113 -26.84 -2.02 -23.14
CA PHE A 113 -27.51 -2.88 -22.15
C PHE A 113 -26.92 -2.59 -20.78
N GLU A 114 -27.71 -2.88 -19.73
CA GLU A 114 -27.26 -2.96 -18.33
C GLU A 114 -26.38 -4.19 -18.16
N ALA A 115 -25.12 -3.97 -17.77
CA ALA A 115 -24.08 -5.02 -17.69
C ALA A 115 -23.85 -5.41 -16.23
N HIS A 116 -24.00 -4.45 -15.30
CA HIS A 116 -23.53 -4.58 -13.90
C HIS A 116 -24.47 -3.79 -12.95
N SER A 117 -24.30 -3.97 -11.64
CA SER A 117 -25.14 -3.32 -10.61
C SER A 117 -24.33 -2.23 -9.88
N ASP A 118 -23.15 -1.86 -10.41
CA ASP A 118 -22.33 -0.74 -9.89
C ASP A 118 -21.35 -0.28 -11.00
N TYR A 119 -20.57 0.76 -10.74
CA TYR A 119 -19.63 1.37 -11.72
C TYR A 119 -18.94 0.27 -12.52
N ILE A 120 -18.85 0.45 -13.84
CA ILE A 120 -18.01 -0.39 -14.73
C ILE A 120 -16.61 0.23 -14.74
N ARG A 121 -15.60 -0.55 -14.37
CA ARG A 121 -14.20 -0.10 -14.27
C ARG A 121 -13.44 -0.34 -15.57
N CYS A 122 -13.72 -1.42 -16.29
CA CYS A 122 -12.80 -1.91 -17.35
C CYS A 122 -13.53 -2.76 -18.39
N ILE A 123 -13.03 -2.71 -19.63
CA ILE A 123 -13.44 -3.55 -20.79
C ILE A 123 -12.19 -4.16 -21.40
N ALA A 124 -12.25 -5.43 -21.76
CA ALA A 124 -11.21 -6.09 -22.57
C ALA A 124 -11.90 -6.73 -23.75
N VAL A 125 -11.34 -6.54 -24.93
CA VAL A 125 -11.92 -7.00 -26.21
C VAL A 125 -11.14 -8.24 -26.65
N HIS A 126 -11.83 -9.36 -26.78
CA HIS A 126 -11.23 -10.62 -27.29
C HIS A 126 -10.71 -10.36 -28.70
N PRO A 127 -9.47 -10.76 -29.01
CA PRO A 127 -8.89 -10.51 -30.31
C PRO A 127 -9.40 -11.40 -31.46
N THR A 128 -9.95 -12.59 -31.20
CA THR A 128 -10.37 -13.53 -32.27
C THR A 128 -11.83 -13.95 -32.12
N GLN A 129 -12.39 -13.92 -30.91
CA GLN A 129 -13.79 -14.34 -30.64
C GLN A 129 -14.65 -13.11 -30.39
N PRO A 130 -15.97 -13.17 -30.72
CA PRO A 130 -16.86 -12.02 -30.57
C PRO A 130 -17.25 -11.72 -29.13
N PHE A 131 -16.26 -11.50 -28.26
CA PHE A 131 -16.44 -11.34 -26.79
C PHE A 131 -15.85 -10.00 -26.32
N ILE A 132 -16.53 -9.40 -25.37
CA ILE A 132 -15.92 -8.42 -24.44
C ILE A 132 -16.04 -9.00 -23.02
N LEU A 133 -15.00 -8.78 -22.22
CA LEU A 133 -15.06 -8.90 -20.74
C LEU A 133 -15.34 -7.52 -20.16
N THR A 134 -16.20 -7.45 -19.15
CA THR A 134 -16.42 -6.23 -18.33
C THR A 134 -16.15 -6.55 -16.85
N SER A 135 -15.66 -5.56 -16.11
CA SER A 135 -15.35 -5.67 -14.67
C SER A 135 -15.95 -4.45 -13.96
N SER A 136 -16.36 -4.63 -12.70
CA SER A 136 -17.27 -3.70 -12.00
C SER A 136 -16.94 -3.58 -10.51
N ASP A 137 -17.36 -2.47 -9.91
CA ASP A 137 -17.43 -2.29 -8.44
C ASP A 137 -18.40 -3.30 -7.82
N ASP A 138 -19.19 -4.02 -8.63
CA ASP A 138 -20.09 -5.09 -8.12
C ASP A 138 -19.28 -6.36 -7.86
N MET A 139 -17.95 -6.33 -8.09
CA MET A 139 -16.98 -7.40 -7.69
C MET A 139 -16.99 -8.54 -8.70
N LEU A 140 -17.72 -8.37 -9.81
CA LEU A 140 -17.89 -9.42 -10.83
C LEU A 140 -17.11 -9.03 -12.10
N ILE A 141 -16.70 -10.05 -12.85
CA ILE A 141 -16.26 -9.94 -14.27
C ILE A 141 -17.27 -10.72 -15.10
N LYS A 142 -17.66 -10.19 -16.27
CA LYS A 142 -18.72 -10.79 -17.12
C LYS A 142 -18.22 -10.89 -18.56
N LEU A 143 -18.57 -11.97 -19.24
CA LEU A 143 -18.26 -12.24 -20.66
C LEU A 143 -19.54 -12.04 -21.46
N TRP A 144 -19.46 -11.24 -22.52
CA TRP A 144 -20.61 -10.90 -23.40
C TRP A 144 -20.27 -11.30 -24.83
N ASP A 145 -21.24 -11.89 -25.53
CA ASP A 145 -21.07 -12.43 -26.90
C ASP A 145 -21.90 -11.58 -27.86
N TRP A 146 -21.25 -10.74 -28.66
CA TRP A 146 -21.90 -9.79 -29.59
C TRP A 146 -22.39 -10.52 -30.84
N ASP A 147 -22.07 -11.80 -31.00
CA ASP A 147 -22.68 -12.64 -32.07
C ASP A 147 -23.99 -13.26 -31.55
N LYS A 148 -24.28 -13.14 -30.25
CA LYS A 148 -25.46 -13.77 -29.62
C LYS A 148 -26.22 -12.69 -28.86
N LYS A 149 -26.43 -11.55 -29.52
CA LYS A 149 -27.30 -10.44 -29.06
C LYS A 149 -26.75 -9.90 -27.73
N TRP A 150 -25.41 -9.87 -27.57
CA TRP A 150 -24.72 -9.37 -26.36
C TRP A 150 -25.28 -10.05 -25.10
N SER A 151 -25.57 -11.34 -25.19
CA SER A 151 -25.99 -12.20 -24.07
C SER A 151 -24.76 -12.48 -23.21
N CYS A 152 -24.96 -12.57 -21.89
CA CYS A 152 -23.88 -12.89 -20.92
C CYS A 152 -23.53 -14.38 -21.02
N SER A 153 -22.33 -14.69 -21.47
CA SER A 153 -21.76 -16.04 -21.62
C SER A 153 -21.28 -16.61 -20.28
N GLN A 154 -20.83 -15.77 -19.35
CA GLN A 154 -20.11 -16.24 -18.14
C GLN A 154 -20.07 -15.11 -17.12
N VAL A 155 -20.27 -15.44 -15.84
CA VAL A 155 -20.08 -14.52 -14.69
C VAL A 155 -18.95 -15.09 -13.85
N PHE A 156 -17.86 -14.31 -13.72
CA PHE A 156 -16.64 -14.69 -12.96
C PHE A 156 -16.73 -14.13 -11.54
N GLU A 157 -16.90 -15.04 -10.55
CA GLU A 157 -17.09 -14.71 -9.11
C GLU A 157 -15.83 -15.08 -8.33
N GLY A 158 -15.43 -14.28 -7.35
CA GLY A 158 -14.32 -14.61 -6.43
C GLY A 158 -13.71 -13.39 -5.77
N HIS A 159 -13.64 -12.26 -6.46
CA HIS A 159 -13.18 -10.98 -5.89
C HIS A 159 -14.17 -10.52 -4.82
N THR A 160 -13.65 -9.85 -3.78
CA THR A 160 -14.43 -9.41 -2.61
C THR A 160 -14.33 -7.89 -2.48
N HIS A 161 -13.88 -7.22 -3.55
CA HIS A 161 -13.94 -5.76 -3.69
C HIS A 161 -14.02 -5.40 -5.18
N TYR A 162 -14.00 -4.11 -5.49
CA TYR A 162 -14.08 -3.55 -6.88
C TYR A 162 -13.05 -4.27 -7.76
N VAL A 163 -13.42 -4.66 -8.98
CA VAL A 163 -12.46 -5.23 -10.00
C VAL A 163 -12.07 -4.09 -10.94
N MET A 164 -10.90 -3.50 -10.66
CA MET A 164 -10.39 -2.25 -11.24
C MET A 164 -9.96 -2.46 -12.70
N GLN A 165 -9.48 -3.64 -13.05
CA GLN A 165 -8.87 -3.84 -14.38
C GLN A 165 -8.78 -5.33 -14.72
N ILE A 166 -8.96 -5.64 -16.01
CA ILE A 166 -8.93 -7.01 -16.58
C ILE A 166 -8.15 -6.93 -17.91
N VAL A 167 -7.38 -7.95 -18.23
CA VAL A 167 -6.61 -8.02 -19.50
C VAL A 167 -6.56 -9.49 -19.92
N ILE A 168 -6.70 -9.74 -21.23
CA ILE A 168 -6.64 -11.08 -21.86
C ILE A 168 -5.18 -11.43 -22.16
N ASN A 169 -4.77 -12.65 -21.81
CA ASN A 169 -3.41 -13.17 -22.12
C ASN A 169 -3.24 -13.17 -23.63
N PRO A 170 -2.30 -12.37 -24.19
CA PRO A 170 -2.17 -12.28 -25.64
C PRO A 170 -1.53 -13.55 -26.23
N LYS A 171 -0.94 -14.40 -25.38
CA LYS A 171 -0.32 -15.70 -25.78
C LYS A 171 -1.30 -16.84 -25.49
N ASP A 172 -2.38 -16.60 -24.74
CA ASP A 172 -3.49 -17.58 -24.59
C ASP A 172 -4.79 -16.85 -24.34
N ASN A 173 -5.58 -16.65 -25.40
CA ASN A 173 -6.80 -15.79 -25.39
C ASN A 173 -7.93 -16.46 -24.61
N ASN A 174 -7.75 -17.70 -24.14
CA ASN A 174 -8.74 -18.34 -23.24
C ASN A 174 -8.49 -17.91 -21.80
N GLN A 175 -7.33 -17.31 -21.52
CA GLN A 175 -6.87 -16.87 -20.17
C GLN A 175 -6.98 -15.33 -20.07
N PHE A 176 -7.30 -14.84 -18.88
CA PHE A 176 -7.28 -13.38 -18.58
C PHE A 176 -7.06 -13.21 -17.08
N ALA A 177 -6.68 -11.99 -16.68
CA ALA A 177 -6.32 -11.67 -15.29
C ALA A 177 -7.04 -10.39 -14.85
N SER A 178 -7.31 -10.30 -13.56
CA SER A 178 -8.08 -9.21 -12.93
C SER A 178 -7.25 -8.61 -11.81
N ALA A 179 -7.42 -7.32 -11.57
CA ALA A 179 -6.85 -6.61 -10.40
C ALA A 179 -8.00 -6.10 -9.57
N SER A 180 -7.98 -6.30 -8.25
CA SER A 180 -9.08 -5.89 -7.34
C SER A 180 -8.55 -5.07 -6.16
N LEU A 181 -9.41 -4.19 -5.64
CA LEU A 181 -9.18 -3.46 -4.37
C LEU A 181 -9.21 -4.43 -3.17
N ASP A 182 -9.45 -5.71 -3.41
CA ASP A 182 -9.34 -6.78 -2.38
C ASP A 182 -7.88 -7.21 -2.24
N ARG A 183 -6.97 -6.53 -2.96
CA ARG A 183 -5.48 -6.64 -2.80
C ARG A 183 -4.96 -7.87 -3.55
N THR A 184 -5.83 -8.54 -4.32
CA THR A 184 -5.49 -9.79 -5.04
C THR A 184 -5.57 -9.54 -6.55
N ILE A 185 -4.76 -10.31 -7.28
CA ILE A 185 -4.88 -10.56 -8.74
C ILE A 185 -5.41 -11.99 -8.90
N LYS A 186 -6.35 -12.19 -9.81
CA LYS A 186 -6.91 -13.53 -10.12
C LYS A 186 -6.69 -13.84 -11.60
N VAL A 187 -6.38 -15.09 -11.91
CA VAL A 187 -6.18 -15.55 -13.32
C VAL A 187 -7.28 -16.55 -13.64
N TRP A 188 -7.92 -16.38 -14.78
CA TRP A 188 -9.19 -17.05 -15.12
C TRP A 188 -9.06 -17.71 -16.47
N GLN A 189 -9.93 -18.68 -16.75
CA GLN A 189 -10.17 -19.24 -18.10
C GLN A 189 -11.65 -19.08 -18.42
N LEU A 190 -11.99 -18.84 -19.68
CA LEU A 190 -13.35 -18.37 -20.11
C LEU A 190 -14.40 -19.43 -19.80
N GLY A 191 -14.00 -20.72 -19.82
CA GLY A 191 -14.90 -21.87 -19.58
C GLY A 191 -15.40 -21.98 -18.14
N SER A 192 -14.78 -21.30 -17.16
CA SER A 192 -15.05 -21.51 -15.71
C SER A 192 -15.36 -20.18 -14.99
N SER A 193 -16.34 -20.22 -14.09
CA SER A 193 -16.85 -19.07 -13.30
C SER A 193 -15.98 -18.83 -12.05
N SER A 194 -15.04 -19.73 -11.76
CA SER A 194 -14.14 -19.67 -10.58
C SER A 194 -12.70 -19.54 -11.05
N PRO A 195 -11.86 -18.75 -10.35
CA PRO A 195 -10.52 -18.45 -10.84
C PRO A 195 -9.67 -19.72 -10.91
N ASN A 196 -8.70 -19.75 -11.81
CA ASN A 196 -7.61 -20.75 -11.83
C ASN A 196 -6.83 -20.63 -10.52
N PHE A 197 -6.43 -19.40 -10.16
CA PHE A 197 -5.67 -19.12 -8.93
C PHE A 197 -5.73 -17.63 -8.58
N THR A 198 -5.29 -17.31 -7.38
CA THR A 198 -5.17 -15.94 -6.82
C THR A 198 -3.70 -15.66 -6.52
N LEU A 199 -3.20 -14.48 -6.92
CA LEU A 199 -1.85 -13.99 -6.58
C LEU A 199 -1.97 -12.95 -5.48
N GLU A 200 -1.39 -13.22 -4.31
CA GLU A 200 -1.35 -12.28 -3.15
C GLU A 200 0.06 -11.73 -3.03
N GLY A 201 0.20 -10.54 -2.44
CA GLY A 201 1.48 -9.85 -2.26
C GLY A 201 1.30 -8.37 -2.07
N HIS A 202 0.40 -7.74 -2.84
CA HIS A 202 0.08 -6.30 -2.68
C HIS A 202 -0.47 -6.07 -1.27
N GLU A 203 -0.12 -4.95 -0.65
CA GLU A 203 -0.47 -4.61 0.75
C GLU A 203 -1.81 -3.89 0.77
N LYS A 204 -2.22 -3.30 -0.36
CA LYS A 204 -3.46 -2.50 -0.51
C LYS A 204 -4.07 -2.78 -1.89
N GLY A 205 -5.22 -2.18 -2.17
CA GLY A 205 -6.03 -2.44 -3.40
C GLY A 205 -5.18 -2.39 -4.66
N VAL A 206 -5.33 -3.38 -5.56
CA VAL A 206 -4.63 -3.43 -6.88
C VAL A 206 -5.47 -2.68 -7.93
N ASN A 207 -4.83 -1.80 -8.72
CA ASN A 207 -5.50 -0.84 -9.64
C ASN A 207 -5.34 -1.27 -11.11
N CYS A 208 -4.27 -2.00 -11.42
CA CYS A 208 -3.89 -2.31 -12.81
C CYS A 208 -3.19 -3.68 -12.90
N ILE A 209 -3.21 -4.21 -14.11
CA ILE A 209 -2.75 -5.57 -14.44
C ILE A 209 -2.46 -5.58 -15.93
N ASP A 210 -1.30 -6.06 -16.34
CA ASP A 210 -0.96 -6.20 -17.78
C ASP A 210 -0.11 -7.47 -17.97
N TYR A 211 -0.19 -8.05 -19.16
CA TYR A 211 0.65 -9.20 -19.60
C TYR A 211 1.86 -8.68 -20.35
N TYR A 212 3.03 -9.20 -20.07
CA TYR A 212 4.16 -9.19 -21.02
C TYR A 212 3.74 -9.99 -22.26
N SER A 213 4.08 -9.51 -23.47
CA SER A 213 3.56 -10.10 -24.72
C SER A 213 4.58 -11.09 -25.31
N GLY A 214 5.84 -11.05 -24.87
CA GLY A 214 6.91 -11.95 -25.36
C GLY A 214 6.75 -13.37 -24.82
N GLY A 215 7.09 -14.38 -25.65
CA GLY A 215 6.94 -15.82 -25.36
C GLY A 215 7.95 -16.33 -24.35
N ASP A 216 8.97 -15.52 -24.03
CA ASP A 216 10.16 -15.93 -23.22
C ASP A 216 9.90 -15.80 -21.70
N LYS A 217 8.86 -15.08 -21.26
CA LYS A 217 8.50 -14.95 -19.81
C LYS A 217 6.99 -15.04 -19.63
N PRO A 218 6.52 -15.87 -18.68
CA PRO A 218 5.10 -15.88 -18.31
C PRO A 218 4.84 -14.82 -17.22
N TYR A 219 4.98 -13.54 -17.57
CA TYR A 219 4.96 -12.41 -16.61
C TYR A 219 3.69 -11.60 -16.79
N LEU A 220 3.20 -11.09 -15.69
CA LEU A 220 2.29 -9.94 -15.70
C LEU A 220 2.79 -8.89 -14.71
N ILE A 221 2.29 -7.68 -14.86
CA ILE A 221 2.71 -6.49 -14.08
C ILE A 221 1.46 -5.92 -13.45
N SER A 222 1.58 -5.47 -12.20
CA SER A 222 0.48 -4.86 -11.43
C SER A 222 0.98 -3.61 -10.72
N GLY A 223 0.05 -2.72 -10.39
CA GLY A 223 0.26 -1.52 -9.57
C GLY A 223 -0.87 -1.35 -8.60
N ALA A 224 -0.58 -0.80 -7.40
CA ALA A 224 -1.51 -0.81 -6.26
C ALA A 224 -1.43 0.50 -5.46
N ASP A 225 -2.36 0.62 -4.53
CA ASP A 225 -2.49 1.73 -3.56
C ASP A 225 -1.37 1.64 -2.52
N ASP A 226 -0.56 0.59 -2.54
CA ASP A 226 0.63 0.44 -1.65
C ASP A 226 1.85 1.19 -2.22
N ARG A 227 1.70 1.88 -3.36
CA ARG A 227 2.78 2.64 -4.08
C ARG A 227 3.70 1.69 -4.88
N LEU A 228 3.36 0.41 -4.94
CA LEU A 228 4.27 -0.63 -5.48
C LEU A 228 3.80 -1.07 -6.86
N VAL A 229 4.77 -1.38 -7.69
CA VAL A 229 4.66 -2.16 -8.93
C VAL A 229 5.22 -3.55 -8.65
N LYS A 230 4.54 -4.57 -9.11
CA LYS A 230 4.97 -5.96 -8.91
C LYS A 230 4.95 -6.71 -10.23
N ILE A 231 5.97 -7.54 -10.41
CA ILE A 231 6.12 -8.46 -11.57
C ILE A 231 5.82 -9.87 -11.07
N TRP A 232 4.90 -10.58 -11.72
CA TRP A 232 4.42 -11.91 -11.32
C TRP A 232 4.80 -12.94 -12.40
N ASP A 233 5.19 -14.13 -11.98
CA ASP A 233 5.29 -15.34 -12.82
C ASP A 233 3.96 -16.07 -12.69
N TYR A 234 3.17 -16.16 -13.76
CA TYR A 234 1.80 -16.73 -13.66
C TYR A 234 1.84 -18.27 -13.80
N GLN A 235 3.00 -18.84 -14.12
CA GLN A 235 3.24 -20.32 -14.13
C GLN A 235 3.65 -20.78 -12.72
N ASN A 236 4.73 -20.21 -12.17
CA ASN A 236 5.23 -20.47 -10.78
C ASN A 236 4.30 -19.82 -9.74
N LYS A 237 3.48 -18.86 -10.15
CA LYS A 237 2.50 -18.14 -9.27
C LYS A 237 3.25 -17.43 -8.12
N THR A 238 4.36 -16.76 -8.45
CA THR A 238 5.23 -16.01 -7.51
C THR A 238 5.35 -14.54 -7.95
N CYS A 239 5.62 -13.65 -7.00
CA CYS A 239 6.14 -12.29 -7.25
C CYS A 239 7.65 -12.36 -7.54
N VAL A 240 8.08 -12.02 -8.75
CA VAL A 240 9.52 -12.13 -9.12
C VAL A 240 10.24 -10.82 -8.80
N GLN A 241 9.50 -9.72 -8.61
CA GLN A 241 10.12 -8.36 -8.46
C GLN A 241 9.09 -7.37 -7.89
N THR A 242 9.54 -6.52 -6.97
CA THR A 242 8.78 -5.36 -6.46
C THR A 242 9.56 -4.10 -6.83
N LEU A 243 8.92 -3.16 -7.53
CA LEU A 243 9.57 -1.91 -8.00
C LEU A 243 9.05 -0.76 -7.12
N GLU A 244 9.94 -0.16 -6.32
CA GLU A 244 9.60 0.98 -5.44
C GLU A 244 10.05 2.27 -6.11
N GLY A 245 9.33 3.36 -5.83
CA GLY A 245 9.75 4.73 -6.20
C GLY A 245 8.56 5.66 -6.34
N HIS A 246 7.42 5.16 -6.79
CA HIS A 246 6.17 5.94 -6.84
C HIS A 246 5.85 6.46 -5.44
N ALA A 247 5.33 7.67 -5.36
CA ALA A 247 5.08 8.40 -4.09
C ALA A 247 3.58 8.33 -3.74
N GLN A 248 2.77 7.71 -4.61
CA GLN A 248 1.30 7.54 -4.39
C GLN A 248 0.80 6.28 -5.13
N ASN A 249 -0.52 6.03 -5.03
CA ASN A 249 -1.23 4.94 -5.72
C ASN A 249 -0.67 4.79 -7.15
N VAL A 250 -0.34 3.57 -7.56
CA VAL A 250 0.01 3.26 -8.98
C VAL A 250 -1.30 2.90 -9.67
N SER A 251 -1.68 3.70 -10.68
CA SER A 251 -2.97 3.64 -11.39
C SER A 251 -2.88 2.76 -12.63
N CYS A 252 -1.71 2.68 -13.27
CA CYS A 252 -1.54 2.00 -14.57
C CYS A 252 -0.11 1.48 -14.74
N ALA A 253 0.04 0.44 -15.52
CA ALA A 253 1.28 -0.31 -15.71
C ALA A 253 1.15 -1.13 -16.99
N SER A 254 2.18 -1.11 -17.81
CA SER A 254 2.27 -1.88 -19.07
C SER A 254 3.73 -2.26 -19.35
N PHE A 255 3.92 -3.44 -19.92
CA PHE A 255 5.12 -3.82 -20.70
C PHE A 255 4.95 -3.22 -22.09
N HIS A 256 5.91 -2.46 -22.58
CA HIS A 256 5.86 -1.98 -23.98
C HIS A 256 6.02 -3.18 -24.91
N PRO A 257 5.21 -3.29 -25.99
CA PRO A 257 5.29 -4.44 -26.89
C PRO A 257 6.50 -4.42 -27.85
N GLU A 258 7.19 -3.29 -28.00
CA GLU A 258 8.26 -3.07 -29.02
C GLU A 258 9.56 -2.57 -28.38
N LEU A 259 9.54 -2.14 -27.12
CA LEU A 259 10.73 -1.65 -26.40
C LEU A 259 10.93 -2.50 -25.16
N PRO A 260 12.20 -2.67 -24.71
CA PRO A 260 12.50 -3.47 -23.52
C PRO A 260 12.25 -2.64 -22.25
N ILE A 261 11.03 -2.10 -22.11
CA ILE A 261 10.68 -1.21 -20.98
C ILE A 261 9.33 -1.62 -20.39
N ILE A 262 9.16 -1.20 -19.16
CA ILE A 262 7.93 -1.20 -18.35
C ILE A 262 7.56 0.27 -18.14
N ILE A 263 6.31 0.61 -18.30
CA ILE A 263 5.79 1.99 -18.11
C ILE A 263 4.74 1.94 -16.99
N THR A 264 4.89 2.78 -15.98
CA THR A 264 3.94 2.87 -14.85
C THR A 264 3.55 4.33 -14.65
N GLY A 265 2.31 4.56 -14.25
CA GLY A 265 1.79 5.90 -13.93
C GLY A 265 1.12 5.91 -12.59
N SER A 266 1.14 7.05 -11.92
CA SER A 266 0.77 7.16 -10.50
C SER A 266 0.06 8.49 -10.24
N GLU A 267 -0.77 8.50 -9.19
CA GLU A 267 -1.40 9.71 -8.63
C GLU A 267 -0.32 10.68 -8.12
N ASP A 268 0.97 10.27 -8.10
CA ASP A 268 2.10 11.20 -7.83
C ASP A 268 2.33 12.12 -9.02
N GLY A 269 1.65 11.88 -10.15
CA GLY A 269 1.73 12.73 -11.35
C GLY A 269 2.86 12.34 -12.27
N THR A 270 3.58 11.27 -11.94
CA THR A 270 4.77 10.81 -12.70
C THR A 270 4.39 9.58 -13.52
N VAL A 271 5.04 9.44 -14.66
CA VAL A 271 5.18 8.20 -15.43
C VAL A 271 6.61 7.73 -15.20
N ARG A 272 6.80 6.49 -14.75
CA ARG A 272 8.14 5.91 -14.57
C ARG A 272 8.36 4.86 -15.68
N ILE A 273 9.53 4.91 -16.29
CA ILE A 273 9.97 3.93 -17.31
C ILE A 273 11.10 3.11 -16.69
N TRP A 274 10.96 1.79 -16.70
CA TRP A 274 11.96 0.86 -16.13
C TRP A 274 12.41 -0.08 -17.24
N HIS A 275 13.66 -0.53 -17.18
CA HIS A 275 14.17 -1.62 -18.03
C HIS A 275 13.41 -2.91 -17.69
N SER A 276 12.93 -3.64 -18.72
CA SER A 276 11.95 -4.76 -18.55
C SER A 276 12.67 -6.04 -18.11
N SER A 277 14.01 -6.09 -18.16
CA SER A 277 14.82 -7.26 -17.71
C SER A 277 15.63 -6.92 -16.45
N THR A 278 16.26 -5.76 -16.36
CA THR A 278 17.11 -5.40 -15.18
C THR A 278 16.30 -4.64 -14.15
N TYR A 279 15.18 -4.02 -14.53
CA TYR A 279 14.29 -3.23 -13.63
C TYR A 279 15.00 -1.95 -13.17
N ARG A 280 16.07 -1.54 -13.85
CA ARG A 280 16.67 -0.19 -13.66
C ARG A 280 15.60 0.87 -13.93
N LEU A 281 15.48 1.85 -13.05
CA LEU A 281 14.70 3.08 -13.29
C LEU A 281 15.40 3.87 -14.39
N GLU A 282 14.77 4.03 -15.56
CA GLU A 282 15.31 4.82 -16.69
C GLU A 282 14.88 6.29 -16.52
N SER A 283 13.64 6.53 -16.15
CA SER A 283 13.02 7.86 -16.32
C SER A 283 11.89 8.06 -15.30
N THR A 284 11.82 9.26 -14.75
CA THR A 284 10.66 9.76 -13.98
C THR A 284 10.25 11.09 -14.55
N LEU A 285 9.06 11.15 -15.13
CA LEU A 285 8.58 12.29 -15.92
C LEU A 285 7.23 12.74 -15.36
N ASN A 286 7.20 13.93 -14.80
CA ASN A 286 5.98 14.63 -14.37
C ASN A 286 5.68 15.69 -15.40
N TYR A 287 4.70 15.43 -16.27
CA TYR A 287 4.37 16.27 -17.44
C TYR A 287 3.39 17.37 -17.06
N GLY A 288 3.15 17.58 -15.75
CA GLY A 288 2.47 18.77 -15.22
C GLY A 288 0.98 18.75 -15.52
N MET A 289 0.38 17.57 -15.57
CA MET A 289 -1.08 17.42 -15.80
C MET A 289 -1.72 16.68 -14.62
N GLU A 290 -1.05 16.75 -13.46
CA GLU A 290 -1.49 16.17 -12.17
C GLU A 290 -1.59 14.65 -12.35
N ARG A 291 -2.61 14.01 -11.78
CA ARG A 291 -2.59 12.55 -11.54
C ARG A 291 -2.65 11.83 -12.88
N VAL A 292 -1.88 10.74 -12.99
CA VAL A 292 -1.93 9.76 -14.12
C VAL A 292 -2.97 8.68 -13.78
N TRP A 293 -3.80 8.29 -14.75
CA TRP A 293 -4.91 7.32 -14.57
C TRP A 293 -4.75 6.11 -15.48
N CYS A 294 -4.13 6.25 -16.65
CA CYS A 294 -4.22 5.19 -17.68
C CYS A 294 -3.09 5.33 -18.68
N VAL A 295 -2.70 4.21 -19.25
CA VAL A 295 -1.65 4.13 -20.30
C VAL A 295 -2.14 3.15 -21.35
N ALA A 296 -1.87 3.43 -22.62
CA ALA A 296 -2.16 2.51 -23.73
C ALA A 296 -0.93 2.45 -24.64
N SER A 297 -0.63 1.26 -25.12
CA SER A 297 0.40 1.00 -26.15
C SER A 297 -0.23 0.20 -27.28
N LEU A 298 0.49 0.05 -28.38
CA LEU A 298 0.04 -0.64 -29.61
C LEU A 298 1.21 -1.44 -30.19
N ARG A 299 1.05 -2.76 -30.29
CA ARG A 299 1.87 -3.68 -31.13
C ARG A 299 2.22 -2.99 -32.45
N GLY A 300 3.52 -2.93 -32.77
CA GLY A 300 4.02 -2.41 -34.05
C GLY A 300 4.12 -0.90 -34.05
N SER A 301 4.02 -0.26 -32.89
CA SER A 301 4.04 1.21 -32.76
C SER A 301 4.90 1.61 -31.57
N ASN A 302 5.53 2.77 -31.67
CA ASN A 302 6.32 3.35 -30.54
C ASN A 302 5.45 4.36 -29.78
N ASN A 303 4.21 4.60 -30.25
CA ASN A 303 3.27 5.59 -29.65
C ASN A 303 2.70 5.03 -28.36
N VAL A 304 2.63 5.85 -27.31
CA VAL A 304 2.05 5.52 -25.99
C VAL A 304 1.09 6.64 -25.59
N ALA A 305 -0.14 6.28 -25.27
CA ALA A 305 -1.19 7.20 -24.80
C ALA A 305 -1.19 7.23 -23.27
N LEU A 306 -1.31 8.41 -22.69
CA LEU A 306 -1.35 8.64 -21.23
C LEU A 306 -2.53 9.57 -20.91
N GLY A 307 -3.38 9.17 -19.97
CA GLY A 307 -4.51 9.96 -19.48
C GLY A 307 -4.24 10.51 -18.10
N TYR A 308 -4.57 11.77 -17.90
CA TYR A 308 -4.33 12.54 -16.65
C TYR A 308 -5.62 13.24 -16.18
N ASP A 309 -5.58 13.76 -14.97
CA ASP A 309 -6.54 14.76 -14.46
C ASP A 309 -6.77 15.85 -15.50
N GLU A 310 -5.72 16.34 -16.17
CA GLU A 310 -5.81 17.60 -16.97
C GLU A 310 -5.77 17.32 -18.47
N GLY A 311 -5.90 16.05 -18.87
CA GLY A 311 -6.04 15.70 -20.31
C GLY A 311 -5.25 14.48 -20.68
N SER A 312 -5.01 14.29 -21.98
CA SER A 312 -4.25 13.12 -22.51
C SER A 312 -3.10 13.59 -23.40
N ILE A 313 -2.06 12.78 -23.45
CA ILE A 313 -0.89 13.00 -24.37
C ILE A 313 -0.59 11.72 -25.10
N ILE A 314 0.06 11.83 -26.26
CA ILE A 314 0.74 10.72 -26.96
C ILE A 314 2.20 11.09 -27.02
N VAL A 315 3.06 10.21 -26.54
CA VAL A 315 4.54 10.31 -26.69
C VAL A 315 5.00 9.18 -27.58
N LYS A 316 5.81 9.48 -28.57
CA LYS A 316 6.56 8.46 -29.32
C LYS A 316 7.85 8.17 -28.54
N LEU A 317 8.00 6.91 -28.14
CA LEU A 317 9.15 6.38 -27.37
C LEU A 317 10.02 5.54 -28.30
N GLY A 318 11.31 5.82 -28.35
CA GLY A 318 12.26 5.13 -29.24
C GLY A 318 11.95 5.41 -30.70
N PRO B 20 32.29 -10.06 31.29
CA PRO B 20 31.35 -11.16 31.60
C PRO B 20 29.92 -10.83 31.08
N LEU B 21 29.15 -11.87 30.73
CA LEU B 21 27.76 -11.74 30.22
C LEU B 21 26.78 -11.91 31.39
N ARG B 22 25.55 -11.45 31.19
CA ARG B 22 24.43 -11.51 32.18
C ARG B 22 23.12 -11.54 31.40
N LEU B 23 22.10 -12.28 31.88
CA LEU B 23 20.72 -12.32 31.30
C LEU B 23 19.91 -13.51 31.86
N ASP B 24 18.76 -13.23 32.49
CA ASP B 24 17.75 -14.25 32.91
C ASP B 24 16.44 -14.08 32.11
N ILE B 25 16.12 -15.04 31.23
CA ILE B 25 14.95 -14.99 30.30
C ILE B 25 13.96 -16.12 30.65
N LYS B 26 12.78 -15.76 31.14
CA LYS B 26 11.65 -16.69 31.45
C LYS B 26 10.43 -16.27 30.65
N ARG B 27 9.95 -17.13 29.74
CA ARG B 27 8.65 -16.95 29.04
C ARG B 27 7.54 -17.00 30.10
N LYS B 28 6.69 -15.98 30.15
CA LYS B 28 5.50 -15.92 31.04
C LYS B 28 4.25 -16.33 30.26
N LEU B 29 4.25 -16.10 28.95
CA LEU B 29 3.03 -16.30 28.12
C LEU B 29 3.43 -16.65 26.68
N THR B 30 2.82 -17.69 26.13
CA THR B 30 2.82 -18.00 24.69
C THR B 30 1.35 -18.11 24.26
N ALA B 31 0.87 -17.09 23.53
CA ALA B 31 -0.55 -16.92 23.18
C ALA B 31 -0.70 -16.92 21.66
N ARG B 32 -0.72 -18.11 21.07
CA ARG B 32 -0.94 -18.30 19.62
C ARG B 32 -2.26 -17.61 19.24
N SER B 33 -2.28 -16.96 18.08
CA SER B 33 -3.38 -16.09 17.64
C SER B 33 -3.17 -15.77 16.17
N ASP B 34 -4.10 -15.03 15.59
CA ASP B 34 -3.92 -14.34 14.31
C ASP B 34 -2.74 -13.35 14.44
N ARG B 35 -2.22 -12.86 13.31
CA ARG B 35 -1.00 -12.00 13.27
C ARG B 35 -1.18 -10.81 14.22
N VAL B 36 -0.20 -10.58 15.08
CA VAL B 36 -0.22 -9.51 16.11
C VAL B 36 0.54 -8.29 15.58
N LYS B 37 -0.11 -7.13 15.55
CA LYS B 37 0.46 -5.89 14.96
C LYS B 37 0.94 -4.95 16.07
N SER B 38 0.33 -4.98 17.25
CA SER B 38 0.79 -4.16 18.39
C SER B 38 0.48 -4.89 19.67
N VAL B 39 1.30 -4.63 20.68
CA VAL B 39 1.13 -5.17 22.05
C VAL B 39 1.29 -4.02 23.01
N ASP B 40 0.85 -4.20 24.25
CA ASP B 40 1.01 -3.20 25.34
C ASP B 40 0.82 -3.92 26.68
N LEU B 41 1.61 -3.54 27.69
CA LEU B 41 1.51 -4.09 29.06
C LEU B 41 0.80 -3.08 29.94
N HIS B 42 -0.18 -3.53 30.73
CA HIS B 42 -0.91 -2.66 31.68
C HIS B 42 -0.01 -2.37 32.89
N PRO B 43 -0.02 -1.14 33.40
CA PRO B 43 0.84 -0.78 34.54
C PRO B 43 0.38 -1.25 35.93
N THR B 44 -0.86 -1.70 36.12
CA THR B 44 -1.36 -2.12 37.46
C THR B 44 -2.03 -3.51 37.39
N GLU B 45 -2.60 -3.90 36.26
CA GLU B 45 -3.16 -5.25 36.04
C GLU B 45 -2.09 -6.10 35.36
N PRO B 46 -2.03 -7.43 35.68
CA PRO B 46 -1.12 -8.33 34.99
C PRO B 46 -1.66 -8.68 33.59
N TRP B 47 -1.83 -7.66 32.76
CA TRP B 47 -2.52 -7.75 31.44
C TRP B 47 -1.54 -7.43 30.33
N MET B 48 -1.66 -8.14 29.22
CA MET B 48 -1.07 -7.74 27.92
C MET B 48 -2.21 -7.64 26.93
N LEU B 49 -2.27 -6.56 26.15
CA LEU B 49 -3.18 -6.53 24.98
C LEU B 49 -2.37 -6.85 23.72
N ALA B 50 -3.03 -7.45 22.76
CA ALA B 50 -2.54 -7.70 21.40
C ALA B 50 -3.61 -7.22 20.44
N SER B 51 -3.24 -6.43 19.45
CA SER B 51 -4.14 -6.04 18.34
C SER B 51 -3.84 -6.90 17.10
N LEU B 52 -4.86 -7.43 16.47
CA LEU B 52 -4.74 -8.55 15.52
C LEU B 52 -5.10 -8.09 14.12
N TYR B 53 -4.57 -8.80 13.14
CA TYR B 53 -4.86 -8.61 11.71
C TYR B 53 -6.36 -8.76 11.45
N ASN B 54 -7.07 -9.61 12.21
CA ASN B 54 -8.49 -9.98 11.94
C ASN B 54 -9.49 -8.91 12.47
N GLY B 55 -9.00 -7.82 13.08
CA GLY B 55 -9.82 -6.66 13.47
C GLY B 55 -10.32 -6.76 14.91
N SER B 56 -9.73 -7.67 15.70
CA SER B 56 -10.02 -7.80 17.15
C SER B 56 -8.78 -7.37 17.96
N VAL B 57 -9.01 -6.95 19.19
CA VAL B 57 -7.98 -6.73 20.24
C VAL B 57 -8.28 -7.70 21.38
N CYS B 58 -7.26 -8.40 21.85
CA CYS B 58 -7.36 -9.37 22.97
C CYS B 58 -6.55 -8.87 24.15
N VAL B 59 -7.07 -9.06 25.36
CA VAL B 59 -6.34 -8.84 26.64
C VAL B 59 -6.13 -10.21 27.28
N TRP B 60 -4.86 -10.55 27.55
CA TRP B 60 -4.43 -11.77 28.27
C TRP B 60 -4.00 -11.38 29.69
N ASN B 61 -4.35 -12.20 30.67
CA ASN B 61 -3.76 -12.19 32.03
C ASN B 61 -2.49 -13.06 31.99
N HIS B 62 -1.32 -12.45 32.12
CA HIS B 62 -0.01 -13.12 31.89
C HIS B 62 0.49 -13.76 33.18
N GLU B 63 -0.30 -13.71 34.25
CA GLU B 63 -0.07 -14.48 35.50
C GLU B 63 -0.77 -15.85 35.39
N THR B 64 -1.96 -15.89 34.79
CA THR B 64 -2.82 -17.11 34.69
C THR B 64 -2.74 -17.70 33.28
N GLN B 65 -2.11 -17.01 32.33
CA GLN B 65 -2.10 -17.41 30.90
C GLN B 65 -3.55 -17.67 30.44
N THR B 66 -4.43 -16.70 30.68
CA THR B 66 -5.88 -16.74 30.37
C THR B 66 -6.26 -15.55 29.46
N LEU B 67 -7.06 -15.79 28.44
CA LEU B 67 -7.71 -14.71 27.64
C LEU B 67 -8.88 -14.16 28.44
N VAL B 68 -8.86 -12.88 28.81
CA VAL B 68 -9.81 -12.30 29.81
C VAL B 68 -10.69 -11.22 29.17
N LYS B 69 -10.29 -10.68 28.00
CA LYS B 69 -11.15 -9.75 27.23
C LYS B 69 -10.92 -9.97 25.73
N THR B 70 -11.96 -9.69 24.96
N THR B 70 -11.98 -9.79 24.94
CA THR B 70 -11.88 -9.51 23.50
CA THR B 70 -11.87 -9.50 23.48
C THR B 70 -12.72 -8.28 23.13
C THR B 70 -12.68 -8.25 23.17
N PHE B 71 -12.21 -7.47 22.20
CA PHE B 71 -12.92 -6.31 21.63
C PHE B 71 -13.00 -6.52 20.13
N GLU B 72 -14.22 -6.56 19.60
CA GLU B 72 -14.49 -6.51 18.14
C GLU B 72 -14.37 -5.06 17.68
N VAL B 73 -13.33 -4.74 16.92
CA VAL B 73 -13.00 -3.35 16.51
C VAL B 73 -13.56 -3.13 15.09
N CYS B 74 -13.21 -4.00 14.14
CA CYS B 74 -13.68 -3.95 12.72
C CYS B 74 -13.23 -5.23 11.99
N ASP B 75 -13.31 -5.29 10.67
CA ASP B 75 -12.91 -6.52 9.92
C ASP B 75 -11.51 -6.35 9.31
N LEU B 76 -10.92 -5.16 9.43
CA LEU B 76 -9.58 -4.84 8.86
C LEU B 76 -8.54 -4.87 9.98
N PRO B 77 -7.24 -5.00 9.63
CA PRO B 77 -6.19 -4.95 10.65
C PRO B 77 -6.32 -3.74 11.60
N VAL B 78 -6.11 -4.02 12.90
CA VAL B 78 -5.86 -3.01 13.95
C VAL B 78 -4.35 -3.01 14.23
N ARG B 79 -3.61 -2.04 13.70
CA ARG B 79 -2.13 -2.03 13.77
C ARG B 79 -1.68 -1.32 15.06
N ALA B 80 -2.60 -0.67 15.76
CA ALA B 80 -2.29 0.15 16.95
C ALA B 80 -3.35 -0.05 18.03
N ALA B 81 -2.91 -0.40 19.22
CA ALA B 81 -3.76 -0.43 20.42
C ALA B 81 -2.88 -0.18 21.66
N LYS B 82 -3.36 0.67 22.55
CA LYS B 82 -2.66 1.09 23.79
C LYS B 82 -3.69 1.15 24.91
N PHE B 83 -3.29 0.78 26.13
CA PHE B 83 -4.01 1.10 27.39
C PHE B 83 -3.84 2.56 27.70
N VAL B 84 -4.88 3.16 28.27
CA VAL B 84 -4.83 4.41 29.08
C VAL B 84 -5.38 4.07 30.47
N ALA B 85 -4.51 3.56 31.34
CA ALA B 85 -4.89 3.00 32.66
C ALA B 85 -5.71 4.04 33.42
N ARG B 86 -5.30 5.33 33.37
CA ARG B 86 -5.89 6.39 34.22
C ARG B 86 -7.29 6.72 33.71
N LYS B 87 -7.71 6.21 32.54
CA LYS B 87 -9.06 6.45 31.97
C LYS B 87 -9.84 5.14 31.79
N ASN B 88 -9.25 4.00 32.17
CA ASN B 88 -9.87 2.66 32.00
C ASN B 88 -10.15 2.40 30.52
N TRP B 89 -9.24 2.80 29.62
CA TRP B 89 -9.47 2.70 28.15
C TRP B 89 -8.52 1.70 27.49
N VAL B 90 -8.99 1.11 26.40
CA VAL B 90 -8.12 0.66 25.26
C VAL B 90 -8.44 1.55 24.08
N VAL B 91 -7.44 2.29 23.61
CA VAL B 91 -7.52 3.17 22.40
C VAL B 91 -7.00 2.36 21.21
N THR B 92 -7.78 2.30 20.13
CA THR B 92 -7.46 1.48 18.92
C THR B 92 -7.45 2.35 17.65
N GLY B 93 -6.58 1.99 16.72
CA GLY B 93 -6.44 2.59 15.39
C GLY B 93 -6.41 1.50 14.35
N ALA B 94 -7.26 1.59 13.34
CA ALA B 94 -7.48 0.50 12.36
C ALA B 94 -7.21 1.01 10.95
N ASP B 95 -7.19 0.06 10.01
CA ASP B 95 -6.94 0.29 8.58
C ASP B 95 -8.14 1.01 7.95
N ASP B 96 -9.29 1.06 8.61
CA ASP B 96 -10.47 1.85 8.13
C ASP B 96 -10.36 3.30 8.66
N MET B 97 -9.21 3.65 9.26
CA MET B 97 -8.77 5.06 9.50
C MET B 97 -9.54 5.68 10.69
N GLN B 98 -10.25 4.86 11.47
CA GLN B 98 -10.99 5.27 12.69
C GLN B 98 -10.11 5.00 13.92
N ILE B 99 -10.09 5.94 14.87
CA ILE B 99 -9.75 5.70 16.30
C ILE B 99 -11.04 5.25 16.99
N ARG B 100 -11.00 4.12 17.69
CA ARG B 100 -12.13 3.65 18.54
C ARG B 100 -11.63 3.48 19.96
N VAL B 101 -12.34 4.08 20.90
CA VAL B 101 -11.96 4.10 22.34
C VAL B 101 -12.93 3.21 23.10
N PHE B 102 -12.40 2.20 23.80
CA PHE B 102 -13.18 1.21 24.55
C PHE B 102 -12.88 1.35 26.04
N ASN B 103 -13.92 1.36 26.87
CA ASN B 103 -13.80 1.19 28.34
C ASN B 103 -13.54 -0.31 28.56
N TYR B 104 -12.41 -0.69 29.16
CA TYR B 104 -11.97 -2.11 29.20
C TYR B 104 -12.67 -2.84 30.36
N ASN B 105 -13.39 -2.12 31.23
CA ASN B 105 -14.25 -2.69 32.31
C ASN B 105 -15.64 -3.03 31.76
N THR B 106 -16.28 -2.10 31.06
CA THR B 106 -17.67 -2.21 30.54
C THR B 106 -17.65 -2.79 29.12
N LEU B 107 -16.53 -2.64 28.39
CA LEU B 107 -16.34 -3.08 26.98
C LEU B 107 -17.07 -2.16 25.99
N GLU B 108 -17.77 -1.13 26.47
CA GLU B 108 -18.44 -0.10 25.65
C GLU B 108 -17.42 0.61 24.75
N ARG B 109 -17.78 0.82 23.50
CA ARG B 109 -17.09 1.81 22.63
C ARG B 109 -17.53 3.21 23.05
N VAL B 110 -16.69 3.93 23.80
CA VAL B 110 -17.10 5.22 24.43
C VAL B 110 -16.95 6.35 23.41
N HIS B 111 -16.01 6.24 22.48
CA HIS B 111 -15.88 7.21 21.37
C HIS B 111 -15.18 6.60 20.15
N MET B 112 -15.41 7.24 19.02
CA MET B 112 -14.94 6.84 17.69
C MET B 112 -14.91 8.08 16.83
N PHE B 113 -13.85 8.26 16.03
CA PHE B 113 -13.74 9.38 15.06
C PHE B 113 -12.74 9.01 13.95
N GLU B 114 -12.91 9.61 12.78
CA GLU B 114 -11.96 9.47 11.65
C GLU B 114 -10.73 10.34 11.94
N ALA B 115 -9.55 9.72 12.02
CA ALA B 115 -8.30 10.35 12.50
C ALA B 115 -7.39 10.67 11.31
N HIS B 116 -7.46 9.85 10.26
CA HIS B 116 -6.49 9.84 9.13
C HIS B 116 -7.21 9.50 7.83
N SER B 117 -6.53 9.66 6.69
CA SER B 117 -7.07 9.38 5.35
C SER B 117 -6.36 8.16 4.75
N ASP B 118 -5.68 7.37 5.60
CA ASP B 118 -5.01 6.10 5.23
C ASP B 118 -4.66 5.35 6.54
N TYR B 119 -4.12 4.13 6.43
CA TYR B 119 -4.00 3.18 7.56
C TYR B 119 -3.34 3.91 8.73
N ILE B 120 -3.83 3.66 9.94
CA ILE B 120 -3.19 4.10 11.21
C ILE B 120 -2.16 3.06 11.60
N ARG B 121 -0.91 3.48 11.82
CA ARG B 121 0.21 2.56 12.13
C ARG B 121 0.50 2.55 13.63
N CYS B 122 0.30 3.65 14.31
CA CYS B 122 0.83 3.82 15.68
C CYS B 122 -0.02 4.78 16.50
N ILE B 123 -0.13 4.48 17.78
CA ILE B 123 -0.68 5.38 18.83
C ILE B 123 0.35 5.48 19.94
N ALA B 124 0.58 6.69 20.46
CA ALA B 124 1.36 6.95 21.69
C ALA B 124 0.49 7.78 22.63
N VAL B 125 0.45 7.40 23.91
CA VAL B 125 -0.36 8.06 24.98
C VAL B 125 0.54 8.96 25.82
N HIS B 126 0.19 10.23 25.98
CA HIS B 126 0.92 11.20 26.84
C HIS B 126 0.81 10.76 28.29
N PRO B 127 1.93 10.67 29.03
CA PRO B 127 1.88 10.18 30.40
C PRO B 127 1.06 11.07 31.33
N THR B 128 1.02 12.39 31.11
CA THR B 128 0.53 13.35 32.14
C THR B 128 -0.62 14.22 31.58
N GLN B 129 -0.64 14.48 30.28
CA GLN B 129 -1.64 15.36 29.62
C GLN B 129 -2.64 14.50 28.86
N PRO B 130 -3.89 14.99 28.65
CA PRO B 130 -4.96 14.19 28.05
C PRO B 130 -4.85 14.09 26.52
N PHE B 131 -3.70 13.63 26.03
CA PHE B 131 -3.35 13.56 24.59
C PHE B 131 -3.03 12.13 24.18
N ILE B 132 -3.33 11.80 22.94
CA ILE B 132 -2.66 10.71 22.19
C ILE B 132 -2.08 11.32 20.93
N LEU B 133 -0.98 10.76 20.47
CA LEU B 133 -0.47 11.01 19.10
C LEU B 133 -0.86 9.80 18.25
N THR B 134 -1.31 10.06 17.04
CA THR B 134 -1.61 9.02 16.03
C THR B 134 -0.71 9.28 14.82
N SER B 135 -0.23 8.23 14.17
CA SER B 135 0.55 8.33 12.91
C SER B 135 0.07 7.30 11.89
N SER B 136 0.22 7.63 10.60
CA SER B 136 -0.59 7.06 9.49
C SER B 136 0.22 6.96 8.19
N ASP B 137 -0.18 6.04 7.29
CA ASP B 137 0.29 5.98 5.88
C ASP B 137 0.00 7.30 5.15
N ASP B 138 -0.87 8.15 5.68
CA ASP B 138 -1.14 9.49 5.09
C ASP B 138 0.01 10.45 5.43
N MET B 139 1.05 9.96 6.14
CA MET B 139 2.36 10.66 6.29
C MET B 139 2.23 11.75 7.36
N LEU B 140 1.09 11.79 8.06
CA LEU B 140 0.81 12.76 9.16
C LEU B 140 0.96 12.08 10.54
N ILE B 141 1.38 12.85 11.51
CA ILE B 141 1.23 12.61 12.97
C ILE B 141 0.25 13.65 13.48
N LYS B 142 -0.77 13.25 14.25
CA LYS B 142 -1.79 14.16 14.79
C LYS B 142 -1.91 13.99 16.30
N LEU B 143 -2.08 15.11 17.00
CA LEU B 143 -2.31 15.19 18.47
C LEU B 143 -3.80 15.38 18.71
N TRP B 144 -4.36 14.58 19.60
CA TRP B 144 -5.79 14.55 19.96
C TRP B 144 -5.92 14.77 21.46
N ASP B 145 -6.83 15.67 21.84
CA ASP B 145 -7.06 16.06 23.24
C ASP B 145 -8.40 15.48 23.69
N TRP B 146 -8.39 14.48 24.57
CA TRP B 146 -9.63 13.79 24.99
C TRP B 146 -10.40 14.62 26.01
N ASP B 147 -9.82 15.71 26.52
CA ASP B 147 -10.53 16.69 27.38
C ASP B 147 -11.20 17.76 26.50
N LYS B 148 -10.95 17.75 25.19
CA LYS B 148 -11.62 18.66 24.22
C LYS B 148 -12.33 17.84 23.14
N LYS B 149 -13.17 16.89 23.54
CA LYS B 149 -14.01 16.08 22.63
C LYS B 149 -13.15 15.45 21.53
N TRP B 150 -11.91 15.09 21.84
CA TRP B 150 -11.02 14.35 20.91
C TRP B 150 -10.80 15.20 19.65
N SER B 151 -10.76 16.53 19.80
CA SER B 151 -10.42 17.49 18.73
C SER B 151 -8.93 17.39 18.45
N CYS B 152 -8.56 17.62 17.20
CA CYS B 152 -7.16 17.61 16.74
C CYS B 152 -6.48 18.92 17.14
N SER B 153 -5.64 18.90 18.17
CA SER B 153 -4.92 20.10 18.69
C SER B 153 -3.73 20.45 17.79
N GLN B 154 -3.15 19.50 17.08
CA GLN B 154 -2.00 19.77 16.17
C GLN B 154 -1.88 18.70 15.10
N VAL B 155 -1.41 19.11 13.92
CA VAL B 155 -0.95 18.22 12.82
C VAL B 155 0.55 18.44 12.65
N PHE B 156 1.30 17.35 12.48
CA PHE B 156 2.76 17.35 12.28
C PHE B 156 3.04 16.79 10.90
N GLU B 157 3.28 17.70 9.95
CA GLU B 157 3.51 17.40 8.52
C GLU B 157 5.02 17.50 8.24
N GLY B 158 5.56 16.68 7.34
CA GLY B 158 6.98 16.76 6.93
C GLY B 158 7.49 15.47 6.33
N HIS B 159 7.05 14.31 6.84
CA HIS B 159 7.41 12.99 6.28
C HIS B 159 6.82 12.86 4.87
N THR B 160 7.48 12.08 4.00
CA THR B 160 7.08 11.87 2.57
C THR B 160 6.69 10.39 2.33
N HIS B 161 6.60 9.58 3.38
CA HIS B 161 6.10 8.18 3.30
C HIS B 161 5.39 7.82 4.62
N TYR B 162 4.93 6.57 4.74
CA TYR B 162 4.20 6.07 5.93
C TYR B 162 4.96 6.48 7.21
N VAL B 163 4.26 7.01 8.20
CA VAL B 163 4.86 7.21 9.55
C VAL B 163 4.56 5.96 10.39
N MET B 164 5.54 5.08 10.54
CA MET B 164 5.36 3.68 11.02
C MET B 164 5.29 3.66 12.56
N GLN B 165 5.94 4.60 13.24
CA GLN B 165 5.98 4.57 14.73
C GLN B 165 6.30 5.97 15.24
N ILE B 166 5.69 6.33 16.36
CA ILE B 166 6.00 7.56 17.14
C ILE B 166 6.19 7.14 18.58
N VAL B 167 7.06 7.82 19.30
CA VAL B 167 7.32 7.57 20.75
C VAL B 167 7.57 8.94 21.41
N ILE B 168 6.96 9.16 22.58
CA ILE B 168 7.19 10.36 23.44
C ILE B 168 8.46 10.15 24.28
N ASN B 169 9.33 11.17 24.34
CA ASN B 169 10.54 11.20 25.19
C ASN B 169 10.10 11.04 26.66
N PRO B 170 10.51 9.95 27.36
CA PRO B 170 10.11 9.76 28.76
C PRO B 170 10.71 10.83 29.69
N LYS B 171 11.77 11.51 29.24
CA LYS B 171 12.53 12.53 30.02
C LYS B 171 12.07 13.95 29.66
N ASP B 172 11.30 14.12 28.60
CA ASP B 172 10.74 15.44 28.18
C ASP B 172 9.47 15.16 27.38
N ASN B 173 8.32 15.11 28.07
CA ASN B 173 7.05 14.63 27.50
C ASN B 173 6.53 15.62 26.45
N ASN B 174 7.21 16.76 26.25
CA ASN B 174 6.89 17.72 25.16
C ASN B 174 7.64 17.38 23.87
N GLN B 175 8.54 16.39 23.90
CA GLN B 175 9.30 15.94 22.72
C GLN B 175 8.82 14.53 22.32
N PHE B 176 8.84 14.23 21.02
CA PHE B 176 8.52 12.90 20.48
C PHE B 176 9.24 12.71 19.16
N ALA B 177 9.45 11.46 18.80
CA ALA B 177 10.25 11.06 17.63
C ALA B 177 9.40 10.13 16.78
N SER B 178 9.54 10.26 15.46
CA SER B 178 8.78 9.51 14.44
C SER B 178 9.76 8.76 13.55
N ALA B 179 9.42 7.53 13.18
CA ALA B 179 10.14 6.71 12.17
C ALA B 179 9.25 6.58 10.93
N SER B 180 9.81 6.87 9.74
CA SER B 180 9.07 6.86 8.46
C SER B 180 9.74 5.93 7.43
N LEU B 181 8.93 5.33 6.56
CA LEU B 181 9.40 4.61 5.35
C LEU B 181 10.13 5.57 4.40
N ASP B 182 10.14 6.87 4.68
CA ASP B 182 10.88 7.88 3.86
C ASP B 182 12.36 7.86 4.24
N ARG B 183 12.77 6.95 5.15
CA ARG B 183 14.17 6.65 5.50
C ARG B 183 14.64 7.60 6.61
N THR B 184 13.76 8.46 7.11
CA THR B 184 14.13 9.50 8.09
C THR B 184 13.48 9.24 9.45
N ILE B 185 14.13 9.75 10.49
CA ILE B 185 13.57 9.99 11.83
C ILE B 185 13.44 11.48 12.02
N LYS B 186 12.29 11.93 12.51
CA LYS B 186 12.06 13.35 12.81
C LYS B 186 11.81 13.48 14.29
N VAL B 187 12.35 14.54 14.90
CA VAL B 187 12.16 14.86 16.33
C VAL B 187 11.38 16.15 16.43
N TRP B 188 10.26 16.10 17.14
CA TRP B 188 9.20 17.13 17.16
C TRP B 188 9.06 17.68 18.57
N GLN B 189 8.36 18.79 18.66
CA GLN B 189 8.02 19.46 19.93
C GLN B 189 6.54 19.76 19.92
N LEU B 190 5.83 19.47 20.99
CA LEU B 190 4.44 19.96 21.14
C LEU B 190 4.48 21.49 21.11
N GLY B 191 3.57 22.10 20.35
CA GLY B 191 3.44 23.56 20.23
C GLY B 191 4.22 24.12 19.06
N SER B 192 4.92 23.26 18.30
N SER B 192 4.84 23.23 18.25
CA SER B 192 5.65 23.65 17.07
CA SER B 192 5.72 23.58 17.10
C SER B 192 5.17 22.80 15.90
C SER B 192 5.32 22.75 15.86
N SER B 193 5.04 23.41 14.73
CA SER B 193 4.44 22.79 13.52
C SER B 193 5.51 22.10 12.66
N SER B 194 6.79 22.45 12.80
CA SER B 194 7.89 21.79 12.02
C SER B 194 8.80 21.01 12.98
N PRO B 195 9.53 19.99 12.46
CA PRO B 195 10.44 19.20 13.28
C PRO B 195 11.56 20.07 13.84
N ASN B 196 12.05 19.77 15.05
CA ASN B 196 13.31 20.32 15.59
C ASN B 196 14.45 19.98 14.61
N PHE B 197 14.39 18.79 14.04
CA PHE B 197 15.39 18.30 13.09
C PHE B 197 14.97 16.95 12.53
N THR B 198 15.65 16.54 11.48
CA THR B 198 15.49 15.23 10.78
C THR B 198 16.81 14.48 10.87
N LEU B 199 16.77 13.18 11.15
CA LEU B 199 17.97 12.30 11.23
C LEU B 199 18.01 11.39 10.00
N GLU B 200 19.09 11.44 9.24
CA GLU B 200 19.28 10.61 8.04
C GLU B 200 20.41 9.62 8.29
N GLY B 201 20.36 8.45 7.64
CA GLY B 201 21.43 7.45 7.73
C GLY B 201 20.95 6.05 7.42
N HIS B 202 19.69 5.72 7.69
CA HIS B 202 19.07 4.46 7.21
C HIS B 202 19.09 4.48 5.68
N GLU B 203 19.38 3.32 5.08
CA GLU B 203 19.46 3.18 3.61
C GLU B 203 18.07 2.85 3.07
N LYS B 204 17.14 2.44 3.94
CA LYS B 204 15.75 2.06 3.57
C LYS B 204 14.76 2.53 4.64
N GLY B 205 13.46 2.25 4.42
CA GLY B 205 12.35 2.74 5.27
C GLY B 205 12.57 2.39 6.73
N VAL B 206 12.26 3.31 7.66
CA VAL B 206 12.43 3.07 9.13
C VAL B 206 11.07 2.63 9.72
N ASN B 207 11.07 1.57 10.52
CA ASN B 207 9.86 0.81 10.95
C ASN B 207 9.57 1.08 12.43
N CYS B 208 10.58 1.44 13.19
CA CYS B 208 10.50 1.47 14.69
C CYS B 208 11.46 2.51 15.26
N ILE B 209 11.08 3.06 16.40
CA ILE B 209 11.83 4.11 17.13
C ILE B 209 11.51 3.98 18.63
N ASP B 210 12.52 4.17 19.48
CA ASP B 210 12.33 4.18 20.96
C ASP B 210 13.36 5.11 21.58
N TYR B 211 13.02 5.69 22.73
CA TYR B 211 13.95 6.47 23.58
C TYR B 211 14.60 5.56 24.64
N TYR B 212 15.90 5.74 24.85
CA TYR B 212 16.60 5.32 26.09
C TYR B 212 15.99 6.08 27.27
N SER B 213 15.67 5.38 28.36
CA SER B 213 14.96 5.91 29.54
C SER B 213 15.91 6.70 30.45
N GLY B 214 17.19 6.39 30.41
CA GLY B 214 18.18 6.85 31.39
C GLY B 214 18.60 8.29 31.16
N GLY B 215 18.89 9.01 32.22
CA GLY B 215 19.28 10.44 32.17
C GLY B 215 20.70 10.63 31.64
N ASP B 216 21.49 9.54 31.52
CA ASP B 216 22.95 9.62 31.26
C ASP B 216 23.24 9.69 29.75
N LYS B 217 22.26 9.36 28.89
CA LYS B 217 22.44 9.40 27.41
C LYS B 217 21.16 9.91 26.76
N PRO B 218 21.26 10.93 25.88
CA PRO B 218 20.10 11.42 25.11
C PRO B 218 19.97 10.58 23.83
N TYR B 219 19.63 9.31 23.97
CA TYR B 219 19.75 8.29 22.90
C TYR B 219 18.36 7.91 22.38
N LEU B 220 18.30 7.67 21.09
CA LEU B 220 17.19 7.00 20.36
C LEU B 220 17.72 5.72 19.75
N ILE B 221 16.85 4.74 19.54
CA ILE B 221 17.16 3.52 18.75
C ILE B 221 16.12 3.39 17.64
N SER B 222 16.55 2.94 16.47
CA SER B 222 15.66 2.70 15.31
C SER B 222 16.05 1.39 14.60
N GLY B 223 15.13 0.84 13.82
CA GLY B 223 15.34 -0.35 12.97
C GLY B 223 14.64 -0.17 11.64
N ALA B 224 15.26 -0.63 10.55
CA ALA B 224 14.81 -0.31 9.19
C ALA B 224 14.88 -1.54 8.27
N ASP B 225 14.36 -1.40 7.06
CA ASP B 225 14.32 -2.47 6.04
C ASP B 225 15.72 -2.67 5.44
N ASP B 226 16.70 -1.87 5.87
CA ASP B 226 18.14 -2.08 5.55
C ASP B 226 18.74 -3.15 6.48
N ARG B 227 17.95 -3.65 7.45
CA ARG B 227 18.32 -4.76 8.36
C ARG B 227 19.26 -4.23 9.45
N LEU B 228 19.37 -2.91 9.56
CA LEU B 228 20.26 -2.22 10.53
C LEU B 228 19.45 -1.73 11.72
N VAL B 229 20.07 -1.79 12.89
CA VAL B 229 19.64 -1.08 14.12
C VAL B 229 20.58 0.10 14.30
N LYS B 230 20.04 1.31 14.48
CA LYS B 230 20.87 2.52 14.63
C LYS B 230 20.56 3.19 15.96
N ILE B 231 21.61 3.62 16.65
CA ILE B 231 21.51 4.35 17.93
C ILE B 231 21.86 5.80 17.64
N TRP B 232 21.03 6.72 18.08
CA TRP B 232 21.17 8.16 17.77
C TRP B 232 21.36 8.97 19.04
N ASP B 233 22.06 10.09 18.92
CA ASP B 233 22.16 11.14 19.96
C ASP B 233 21.30 12.30 19.51
N TYR B 234 20.22 12.62 20.22
CA TYR B 234 19.21 13.63 19.79
C TYR B 234 19.65 15.03 20.23
N GLN B 235 20.75 15.15 20.99
CA GLN B 235 21.32 16.47 21.41
C GLN B 235 22.27 16.97 20.32
N ASN B 236 23.23 16.16 19.88
CA ASN B 236 24.19 16.54 18.80
C ASN B 236 23.74 15.96 17.45
N LYS B 237 22.58 15.27 17.41
CA LYS B 237 21.85 14.89 16.18
C LYS B 237 22.75 14.04 15.26
N THR B 238 23.44 13.05 15.82
CA THR B 238 24.31 12.07 15.08
C THR B 238 23.87 10.64 15.35
N CYS B 239 24.21 9.74 14.43
CA CYS B 239 24.22 8.27 14.62
C CYS B 239 25.51 7.89 15.33
N VAL B 240 25.41 7.27 16.51
CA VAL B 240 26.59 6.92 17.36
C VAL B 240 26.93 5.43 17.19
N GLN B 241 26.02 4.62 16.68
CA GLN B 241 26.24 3.17 16.50
C GLN B 241 25.26 2.60 15.47
N THR B 242 25.77 1.67 14.65
CA THR B 242 24.99 0.83 13.71
C THR B 242 25.28 -0.63 14.04
N LEU B 243 24.25 -1.37 14.48
CA LEU B 243 24.30 -2.82 14.78
C LEU B 243 23.80 -3.61 13.57
N GLU B 244 24.70 -4.40 12.97
CA GLU B 244 24.41 -5.44 11.95
C GLU B 244 24.08 -6.75 12.69
N GLY B 245 23.34 -7.65 12.04
CA GLY B 245 23.12 -9.01 12.55
C GLY B 245 21.83 -9.62 12.04
N HIS B 246 20.74 -8.85 12.04
CA HIS B 246 19.41 -9.32 11.58
C HIS B 246 19.52 -9.67 10.09
N ALA B 247 18.81 -10.70 9.63
CA ALA B 247 18.86 -11.21 8.24
C ALA B 247 17.67 -10.67 7.44
N GLN B 248 16.81 -9.87 8.06
CA GLN B 248 15.60 -9.29 7.42
C GLN B 248 15.33 -7.92 8.02
N ASN B 249 14.38 -7.18 7.41
CA ASN B 249 13.74 -5.97 7.97
C ASN B 249 13.69 -6.07 9.49
N VAL B 250 14.19 -5.05 10.19
CA VAL B 250 13.95 -4.83 11.65
C VAL B 250 12.61 -4.11 11.81
N SER B 251 11.63 -4.76 12.43
CA SER B 251 10.22 -4.35 12.59
C SER B 251 10.04 -3.58 13.91
N CYS B 252 10.86 -3.88 14.92
CA CYS B 252 10.69 -3.32 16.29
C CYS B 252 12.01 -3.26 17.06
N ALA B 253 12.08 -2.32 17.99
CA ALA B 253 13.25 -2.04 18.83
C ALA B 253 12.81 -1.35 20.11
N SER B 254 13.51 -1.64 21.19
CA SER B 254 13.23 -1.16 22.56
C SER B 254 14.54 -1.04 23.33
N PHE B 255 14.77 0.12 23.95
CA PHE B 255 15.64 0.29 25.14
C PHE B 255 14.83 -0.18 26.33
N HIS B 256 15.23 -1.29 26.95
CA HIS B 256 14.59 -1.76 28.19
C HIS B 256 14.68 -0.65 29.23
N PRO B 257 13.55 -0.30 29.92
CA PRO B 257 13.56 0.76 30.92
C PRO B 257 14.29 0.45 32.24
N GLU B 258 14.54 -0.83 32.57
CA GLU B 258 15.17 -1.24 33.87
C GLU B 258 16.54 -1.90 33.61
N LEU B 259 16.64 -2.78 32.61
CA LEU B 259 17.85 -3.58 32.34
C LEU B 259 18.68 -2.88 31.26
N PRO B 260 20.03 -3.00 31.36
CA PRO B 260 20.94 -2.34 30.41
C PRO B 260 21.01 -3.12 29.10
N ILE B 261 19.89 -3.22 28.40
CA ILE B 261 19.79 -4.02 27.16
C ILE B 261 18.97 -3.28 26.10
N ILE B 262 19.23 -3.66 24.86
CA ILE B 262 18.45 -3.36 23.64
C ILE B 262 17.73 -4.64 23.22
N ILE B 263 16.44 -4.57 22.94
CA ILE B 263 15.68 -5.69 22.31
C ILE B 263 15.29 -5.26 20.91
N THR B 264 15.61 -6.08 19.90
CA THR B 264 15.25 -5.84 18.49
C THR B 264 14.59 -7.10 17.92
N GLY B 265 13.52 -6.92 17.16
CA GLY B 265 12.80 -8.00 16.46
C GLY B 265 12.83 -7.80 14.97
N SER B 266 12.81 -8.90 14.22
CA SER B 266 12.98 -8.89 12.75
C SER B 266 12.01 -9.89 12.09
N GLU B 267 11.74 -9.65 10.81
CA GLU B 267 10.97 -10.55 9.92
C GLU B 267 11.76 -11.85 9.68
N ASP B 268 13.01 -11.94 10.16
CA ASP B 268 13.82 -13.19 10.19
C ASP B 268 13.38 -14.08 11.36
N GLY B 269 12.46 -13.61 12.21
CA GLY B 269 11.80 -14.43 13.25
C GLY B 269 12.59 -14.46 14.56
N THR B 270 13.72 -13.76 14.63
CA THR B 270 14.56 -13.70 15.85
C THR B 270 14.28 -12.42 16.63
N VAL B 271 14.40 -12.52 17.94
CA VAL B 271 14.58 -11.38 18.87
C VAL B 271 16.03 -11.40 19.35
N ARG B 272 16.76 -10.31 19.13
CA ARG B 272 18.16 -10.15 19.59
C ARG B 272 18.17 -9.28 20.84
N ILE B 273 18.94 -9.69 21.83
CA ILE B 273 19.21 -8.90 23.05
C ILE B 273 20.68 -8.51 23.03
N TRP B 274 20.95 -7.21 23.04
CA TRP B 274 22.31 -6.61 23.03
C TRP B 274 22.52 -5.82 24.31
N HIS B 275 23.75 -5.72 24.79
CA HIS B 275 24.12 -4.83 25.91
C HIS B 275 23.96 -3.38 25.45
N SER B 276 23.26 -2.55 26.21
CA SER B 276 22.88 -1.18 25.83
C SER B 276 24.09 -0.22 25.88
N SER B 277 25.21 -0.63 26.48
CA SER B 277 26.45 0.19 26.55
C SER B 277 27.48 -0.35 25.56
N THR B 278 27.80 -1.65 25.61
CA THR B 278 28.91 -2.27 24.82
C THR B 278 28.38 -2.72 23.46
N TYR B 279 27.06 -2.88 23.32
CA TYR B 279 26.40 -3.35 22.07
C TYR B 279 26.80 -4.80 21.76
N ARG B 280 27.41 -5.50 22.71
CA ARG B 280 27.62 -6.97 22.63
C ARG B 280 26.29 -7.69 22.42
N LEU B 281 26.22 -8.58 21.44
CA LEU B 281 25.09 -9.54 21.32
C LEU B 281 25.15 -10.49 22.52
N GLU B 282 24.12 -10.46 23.37
CA GLU B 282 24.02 -11.26 24.62
C GLU B 282 23.23 -12.55 24.34
N SER B 283 22.20 -12.46 23.50
CA SER B 283 21.16 -13.51 23.36
C SER B 283 20.38 -13.35 22.06
N THR B 284 20.18 -14.44 21.34
CA THR B 284 19.18 -14.59 20.25
C THR B 284 18.03 -15.46 20.79
N LEU B 285 16.80 -15.03 20.59
CA LEU B 285 15.58 -15.77 21.00
C LEU B 285 14.87 -16.20 19.72
N ASN B 286 14.67 -17.50 19.57
CA ASN B 286 14.07 -18.15 18.37
C ASN B 286 12.86 -18.95 18.84
N TYR B 287 11.69 -18.33 18.87
CA TYR B 287 10.51 -18.86 19.58
C TYR B 287 9.58 -19.57 18.59
N GLY B 288 9.97 -19.61 17.32
CA GLY B 288 9.27 -20.34 16.24
C GLY B 288 7.86 -19.81 15.99
N MET B 289 7.68 -18.49 15.94
CA MET B 289 6.33 -17.86 15.76
C MET B 289 6.31 -17.09 14.44
N GLU B 290 7.24 -17.41 13.53
CA GLU B 290 7.47 -16.71 12.24
C GLU B 290 7.80 -15.23 12.54
N ARG B 291 7.39 -14.29 11.69
CA ARG B 291 7.98 -12.92 11.70
C ARG B 291 7.61 -12.20 13.02
N VAL B 292 8.58 -11.49 13.60
CA VAL B 292 8.34 -10.53 14.72
C VAL B 292 7.81 -9.24 14.10
N TRP B 293 6.73 -8.67 14.67
CA TRP B 293 6.15 -7.36 14.23
C TRP B 293 6.31 -6.26 15.29
N CYS B 294 6.30 -6.59 16.59
CA CYS B 294 6.18 -5.55 17.65
C CYS B 294 6.71 -6.02 19.00
N VAL B 295 6.96 -5.04 19.84
CA VAL B 295 7.59 -5.18 21.18
C VAL B 295 7.07 -4.04 22.05
N ALA B 296 6.85 -4.31 23.31
CA ALA B 296 6.47 -3.30 24.30
C ALA B 296 7.15 -3.67 25.60
N SER B 297 7.70 -2.68 26.26
CA SER B 297 8.25 -2.78 27.62
C SER B 297 7.37 -1.96 28.55
N LEU B 298 7.59 -2.07 29.84
CA LEU B 298 6.82 -1.36 30.89
C LEU B 298 7.80 -0.79 31.91
N ARG B 299 7.82 0.52 32.05
CA ARG B 299 8.50 1.24 33.16
C ARG B 299 8.16 0.53 34.47
N GLY B 300 9.18 0.02 35.16
CA GLY B 300 9.05 -0.60 36.49
C GLY B 300 8.87 -2.09 36.40
N SER B 301 8.92 -2.66 35.20
CA SER B 301 8.72 -4.10 34.97
C SER B 301 9.88 -4.65 34.16
N ASN B 302 10.22 -5.91 34.36
CA ASN B 302 11.26 -6.63 33.59
C ASN B 302 10.59 -7.40 32.44
N ASN B 303 9.28 -7.32 32.34
CA ASN B 303 8.48 -8.03 31.33
C ASN B 303 8.57 -7.30 30.01
N VAL B 304 8.66 -8.07 28.93
CA VAL B 304 8.61 -7.55 27.54
C VAL B 304 7.59 -8.38 26.78
N ALA B 305 6.75 -7.71 26.00
CA ALA B 305 5.72 -8.33 25.14
C ALA B 305 6.21 -8.28 23.69
N LEU B 306 6.03 -9.38 22.98
CA LEU B 306 6.43 -9.56 21.57
C LEU B 306 5.22 -10.04 20.79
N GLY B 307 4.94 -9.39 19.65
CA GLY B 307 3.92 -9.84 18.71
C GLY B 307 4.54 -10.41 17.45
N TYR B 308 4.00 -11.53 16.98
CA TYR B 308 4.52 -12.30 15.82
C TYR B 308 3.36 -12.62 14.85
N ASP B 309 3.71 -13.12 13.67
CA ASP B 309 2.75 -13.73 12.72
C ASP B 309 1.81 -14.68 13.48
N GLU B 310 2.35 -15.48 14.39
CA GLU B 310 1.71 -16.69 14.94
C GLU B 310 1.08 -16.39 16.30
N GLY B 311 1.34 -15.20 16.88
CA GLY B 311 0.75 -14.80 18.17
C GLY B 311 1.70 -13.95 19.01
N SER B 312 1.50 -13.97 20.34
CA SER B 312 2.13 -13.07 21.33
C SER B 312 2.92 -13.88 22.34
N ILE B 313 4.09 -13.38 22.73
CA ILE B 313 4.89 -13.96 23.85
C ILE B 313 5.18 -12.84 24.86
N ILE B 314 5.10 -13.15 26.15
CA ILE B 314 5.70 -12.31 27.23
C ILE B 314 6.92 -13.07 27.77
N VAL B 315 8.07 -12.39 27.83
CA VAL B 315 9.30 -12.86 28.54
C VAL B 315 9.63 -11.86 29.65
N LYS B 316 9.95 -12.39 30.81
CA LYS B 316 10.65 -11.68 31.91
C LYS B 316 12.15 -11.76 31.63
N LEU B 317 12.83 -10.62 31.52
CA LEU B 317 14.27 -10.57 31.16
C LEU B 317 15.14 -10.48 32.42
N GLY B 318 14.56 -10.12 33.58
CA GLY B 318 15.32 -9.87 34.82
C GLY B 318 14.60 -10.40 36.05
#